data_7BQ4
#
_entry.id   7BQ4
#
_cell.length_a   44.969
_cell.length_b   61.482
_cell.length_c   53.116
_cell.angle_alpha   90.000
_cell.angle_beta   106.760
_cell.angle_gamma   90.000
#
_symmetry.space_group_name_H-M   'P 1 21 1'
#
loop_
_entity.id
_entity.type
_entity.pdbx_description
1 polymer 'Peroxisome proliferator-activated receptor alpha'
2 polymer '15-meric peptide from Nuclear receptor coactivator 1'
3 non-polymer '5,8,11,14,17-EICOSAPENTAENOIC ACID'
4 non-polymer GLYCEROL
5 water water
#
loop_
_entity_poly.entity_id
_entity_poly.type
_entity_poly.pdbx_seq_one_letter_code
_entity_poly.pdbx_strand_id
1 'polypeptide(L)'
;GSHMTADLKSLAKRIYEAYLKNFNMNKVKARVILSGKASNNPPFVIHDMETLCMAEKTLVAKLVANGIQNKEAEVRIFHC
CQCTSVETVTELTEFAKAIPGFANLDLNDQVTLLKYGVYEAIFAMLSSVMNKDGMLVAYGNGFITREFLKSLRKPFCDIM
EPKFDFAMKFNALELDDSDISLFVAAIICCGDRPGLLNVGHIEKMQEGIVHVLRLHLQSNHPDDIFLFPKLLQKMADLRQ
LVTEHAQLVQIIKKTESDAALHPLLQEIYRDMY
;
A
2 'polypeptide(L)' LTERHKILHRLLQEG B
#
loop_
_chem_comp.id
_chem_comp.type
_chem_comp.name
_chem_comp.formula
EPA non-polymer '5,8,11,14,17-EICOSAPENTAENOIC ACID' 'C20 H30 O2'
GOL non-polymer GLYCEROL 'C3 H8 O3'
#
# COMPACT_ATOMS: atom_id res chain seq x y z
N ALA A 6 -16.83 4.39 25.63
CA ALA A 6 -16.40 4.48 24.24
C ALA A 6 -17.28 3.61 23.35
N ASP A 7 -17.50 4.06 22.11
CA ASP A 7 -18.33 3.38 21.13
C ASP A 7 -17.42 2.77 20.08
N LEU A 8 -17.10 1.48 20.22
CA LEU A 8 -16.17 0.83 19.30
C LEU A 8 -16.78 0.67 17.90
N LYS A 9 -18.08 0.36 17.84
CA LYS A 9 -18.75 0.26 16.53
C LYS A 9 -18.61 1.56 15.76
N SER A 10 -18.70 2.70 16.45
CA SER A 10 -18.60 4.00 15.79
C SER A 10 -17.18 4.29 15.34
N LEU A 11 -16.17 3.92 16.14
CA LEU A 11 -14.79 4.12 15.71
C LEU A 11 -14.53 3.32 14.44
N ALA A 12 -15.01 2.07 14.41
CA ALA A 12 -14.82 1.27 13.20
C ALA A 12 -15.49 1.92 12.01
N LYS A 13 -16.70 2.43 12.19
CA LYS A 13 -17.39 3.06 11.06
C LYS A 13 -16.66 4.31 10.60
N ARG A 14 -16.17 5.13 11.55
CA ARG A 14 -15.43 6.33 11.19
C ARG A 14 -14.17 5.99 10.41
N ILE A 15 -13.45 4.95 10.83
CA ILE A 15 -12.26 4.56 10.07
C ILE A 15 -12.64 4.05 8.69
N TYR A 16 -13.72 3.24 8.59
CA TYR A 16 -14.18 2.78 7.27
C TYR A 16 -14.58 3.94 6.38
N GLU A 17 -15.32 4.89 6.92
CA GLU A 17 -15.71 6.06 6.12
C GLU A 17 -14.48 6.83 5.63
N ALA A 18 -13.44 6.96 6.46
CA ALA A 18 -12.25 7.67 6.05
C ALA A 18 -11.53 6.91 4.94
N TYR A 19 -11.58 5.58 5.00
N TYR A 19 -11.57 5.58 4.99
CA TYR A 19 -10.98 4.73 3.97
CA TYR A 19 -10.95 4.77 3.95
C TYR A 19 -11.69 4.92 2.64
C TYR A 19 -11.70 4.95 2.63
N LEU A 20 -13.03 4.91 2.67
CA LEU A 20 -13.79 5.06 1.43
C LEU A 20 -13.59 6.43 0.81
N LYS A 21 -13.37 7.45 1.66
CA LYS A 21 -13.22 8.82 1.20
C LYS A 21 -11.84 9.06 0.59
N ASN A 22 -10.78 8.44 1.13
CA ASN A 22 -9.43 8.87 0.81
C ASN A 22 -8.69 7.97 -0.19
N PHE A 23 -9.13 6.74 -0.41
CA PHE A 23 -8.46 5.87 -1.36
C PHE A 23 -9.23 5.80 -2.66
N ASN A 24 -8.52 5.96 -3.78
CA ASN A 24 -9.20 5.96 -5.07
C ASN A 24 -9.70 4.57 -5.43
N MET A 25 -9.02 3.54 -4.91
CA MET A 25 -9.35 2.15 -5.18
C MET A 25 -9.78 1.50 -3.89
N ASN A 26 -10.82 0.71 -3.97
CA ASN A 26 -11.19 -0.16 -2.86
C ASN A 26 -11.58 -1.50 -3.45
N LYS A 27 -11.87 -2.45 -2.57
CA LYS A 27 -12.01 -3.82 -3.03
C LYS A 27 -13.29 -3.99 -3.85
N VAL A 28 -14.37 -3.29 -3.48
CA VAL A 28 -15.60 -3.36 -4.27
C VAL A 28 -15.38 -2.79 -5.66
N LYS A 29 -14.79 -1.59 -5.75
N LYS A 29 -14.73 -1.62 -5.75
CA LYS A 29 -14.47 -1.00 -7.04
CA LYS A 29 -14.49 -1.01 -7.05
C LYS A 29 -13.62 -1.96 -7.87
C LYS A 29 -13.55 -1.85 -7.89
N ALA A 30 -12.58 -2.50 -7.25
CA ALA A 30 -11.65 -3.36 -8.00
C ALA A 30 -12.36 -4.61 -8.50
N ARG A 31 -13.19 -5.22 -7.66
CA ARG A 31 -13.87 -6.45 -8.07
C ARG A 31 -14.85 -6.19 -9.21
N VAL A 32 -15.53 -5.05 -9.20
CA VAL A 32 -16.40 -4.72 -10.34
C VAL A 32 -15.59 -4.73 -11.63
N ILE A 33 -14.42 -4.11 -11.62
CA ILE A 33 -13.59 -4.03 -12.83
C ILE A 33 -13.07 -5.40 -13.20
N LEU A 34 -12.57 -6.14 -12.21
CA LEU A 34 -11.96 -7.43 -12.47
C LEU A 34 -12.99 -8.46 -12.94
N SER A 35 -14.28 -8.21 -12.70
CA SER A 35 -15.34 -9.14 -13.10
C SER A 35 -15.72 -8.99 -14.57
N GLY A 36 -15.43 -7.85 -15.19
CA GLY A 36 -15.71 -7.66 -16.60
C GLY A 36 -17.07 -7.06 -16.90
N PRO A 42 -13.24 0.07 -19.91
CA PRO A 42 -12.70 -1.25 -19.58
C PRO A 42 -11.18 -1.22 -19.50
N PRO A 43 -10.58 -2.11 -18.70
CA PRO A 43 -9.13 -2.06 -18.52
C PRO A 43 -8.38 -2.59 -19.73
N PHE A 44 -7.36 -1.87 -20.14
N PHE A 44 -7.41 -1.79 -20.20
CA PHE A 44 -6.53 -2.32 -21.24
CA PHE A 44 -6.39 -2.24 -21.15
C PHE A 44 -5.51 -3.33 -20.74
C PHE A 44 -5.65 -3.44 -20.57
N VAL A 45 -5.50 -4.52 -21.34
CA VAL A 45 -4.73 -5.66 -20.84
C VAL A 45 -3.31 -5.56 -21.35
N ILE A 46 -2.36 -5.56 -20.43
CA ILE A 46 -0.94 -5.47 -20.74
C ILE A 46 -0.36 -6.86 -20.47
N HIS A 47 -0.01 -7.60 -21.55
CA HIS A 47 0.47 -8.95 -21.39
C HIS A 47 1.80 -9.18 -22.12
N ASP A 48 2.29 -8.18 -22.83
CA ASP A 48 3.53 -8.31 -23.58
C ASP A 48 4.02 -6.91 -23.91
N MET A 49 5.16 -6.81 -24.62
CA MET A 49 5.71 -5.49 -24.90
C MET A 49 4.82 -4.68 -25.84
N GLU A 50 4.20 -5.32 -26.85
CA GLU A 50 3.31 -4.58 -27.74
C GLU A 50 2.19 -3.90 -26.97
N THR A 51 1.53 -4.65 -26.07
CA THR A 51 0.42 -4.05 -25.34
C THR A 51 0.89 -3.10 -24.25
N LEU A 52 2.07 -3.29 -23.67
CA LEU A 52 2.62 -2.26 -22.79
C LEU A 52 2.74 -0.94 -23.53
N CYS A 53 3.34 -0.97 -24.73
CA CYS A 53 3.57 0.26 -25.47
C CYS A 53 2.26 0.91 -25.88
N MET A 54 1.27 0.10 -26.26
CA MET A 54 -0.03 0.66 -26.58
C MET A 54 -0.66 1.32 -25.36
N ALA A 55 -0.63 0.64 -24.21
CA ALA A 55 -1.23 1.21 -23.01
C ALA A 55 -0.53 2.50 -22.60
N GLU A 56 0.78 2.55 -22.73
CA GLU A 56 1.53 3.76 -22.39
C GLU A 56 1.08 4.93 -23.25
N LYS A 57 0.90 4.71 -24.55
CA LYS A 57 0.51 5.81 -25.43
C LYS A 57 -0.88 6.32 -25.10
N THR A 58 -1.73 5.48 -24.53
CA THR A 58 -3.07 5.94 -24.17
C THR A 58 -3.13 6.49 -22.74
N LEU A 59 -2.46 5.83 -21.79
CA LEU A 59 -2.67 6.11 -20.37
C LEU A 59 -1.59 6.96 -19.72
N VAL A 60 -0.36 6.98 -20.25
CA VAL A 60 0.70 7.82 -19.71
C VAL A 60 1.45 8.43 -20.88
N ALA A 61 0.71 9.11 -21.76
CA ALA A 61 1.27 9.53 -23.03
C ALA A 61 2.57 10.32 -22.87
N LYS A 62 2.61 11.21 -21.87
CA LYS A 62 3.75 12.09 -21.67
C LYS A 62 5.04 11.30 -21.44
N LEU A 63 4.93 10.10 -20.88
CA LEU A 63 6.11 9.30 -20.54
C LEU A 63 6.78 8.69 -21.77
N VAL A 64 6.06 8.54 -22.89
CA VAL A 64 6.63 7.89 -24.06
C VAL A 64 6.60 8.83 -25.28
N ALA A 65 6.52 10.13 -25.04
CA ALA A 65 6.51 11.14 -26.10
C ALA A 65 7.91 11.57 -26.52
N ASN A 66 8.94 10.85 -26.08
CA ASN A 66 10.32 11.21 -26.37
C ASN A 66 10.89 10.32 -27.48
N ASN A 70 13.14 7.85 -25.09
CA ASN A 70 12.43 7.11 -24.05
C ASN A 70 13.34 6.12 -23.33
N LYS A 71 13.02 5.84 -22.08
CA LYS A 71 13.79 4.89 -21.27
C LYS A 71 13.46 3.44 -21.67
N GLU A 72 14.27 2.52 -21.18
CA GLU A 72 13.99 1.09 -21.28
C GLU A 72 12.60 0.77 -20.74
N ALA A 73 11.94 -0.24 -21.31
CA ALA A 73 10.59 -0.57 -20.87
C ALA A 73 10.54 -0.86 -19.38
N GLU A 74 11.52 -1.59 -18.85
CA GLU A 74 11.53 -1.93 -17.42
C GLU A 74 11.65 -0.68 -16.56
N VAL A 75 12.42 0.30 -17.02
CA VAL A 75 12.58 1.53 -16.27
C VAL A 75 11.32 2.38 -16.34
N ARG A 76 10.62 2.38 -17.50
CA ARG A 76 9.33 3.06 -17.57
C ARG A 76 8.31 2.41 -16.66
N ILE A 77 8.29 1.08 -16.62
CA ILE A 77 7.36 0.39 -15.72
C ILE A 77 7.65 0.78 -14.27
N PHE A 78 8.94 0.76 -13.89
CA PHE A 78 9.31 1.12 -12.52
C PHE A 78 8.92 2.55 -12.20
N HIS A 79 9.05 3.46 -13.18
CA HIS A 79 8.58 4.83 -12.95
C HIS A 79 7.09 4.87 -12.63
N CYS A 80 6.28 4.13 -13.39
CA CYS A 80 4.85 4.04 -13.11
C CYS A 80 4.58 3.39 -11.76
N CYS A 81 5.40 2.41 -11.37
CA CYS A 81 5.32 1.87 -10.01
C CYS A 81 5.51 2.97 -8.96
N GLN A 82 6.55 3.77 -9.12
CA GLN A 82 6.82 4.83 -8.14
C GLN A 82 5.72 5.87 -8.13
N CYS A 83 5.20 6.23 -9.30
CA CYS A 83 4.12 7.20 -9.35
C CYS A 83 2.90 6.69 -8.57
N THR A 84 2.59 5.40 -8.73
CA THR A 84 1.52 4.80 -7.96
C THR A 84 1.79 4.90 -6.46
N SER A 85 3.01 4.53 -6.05
CA SER A 85 3.35 4.61 -4.63
C SER A 85 3.21 6.03 -4.10
N VAL A 86 3.72 7.01 -4.84
CA VAL A 86 3.60 8.40 -4.39
C VAL A 86 2.14 8.76 -4.17
N GLU A 87 1.27 8.41 -5.12
CA GLU A 87 -0.15 8.70 -4.95
C GLU A 87 -0.73 7.98 -3.74
N THR A 88 -0.35 6.72 -3.51
CA THR A 88 -0.91 5.99 -2.37
C THR A 88 -0.39 6.56 -1.05
N VAL A 89 0.89 6.98 -1.00
CA VAL A 89 1.39 7.64 0.22
C VAL A 89 0.56 8.88 0.53
N THR A 90 0.22 9.67 -0.49
CA THR A 90 -0.57 10.86 -0.25
C THR A 90 -1.95 10.50 0.29
N GLU A 91 -2.56 9.46 -0.27
CA GLU A 91 -3.85 9.01 0.22
C GLU A 91 -3.75 8.50 1.66
N LEU A 92 -2.66 7.77 1.95
CA LEU A 92 -2.47 7.24 3.30
C LEU A 92 -2.28 8.36 4.32
N THR A 93 -1.61 9.45 3.92
CA THR A 93 -1.40 10.56 4.84
C THR A 93 -2.72 11.24 5.20
N GLU A 94 -3.60 11.41 4.21
CA GLU A 94 -4.94 11.96 4.48
C GLU A 94 -5.76 11.00 5.31
N PHE A 95 -5.71 9.70 4.97
CA PHE A 95 -6.40 8.71 5.77
C PHE A 95 -5.93 8.75 7.22
N ALA A 96 -4.62 8.87 7.44
CA ALA A 96 -4.09 8.86 8.79
C ALA A 96 -4.60 10.06 9.56
N LYS A 97 -4.64 11.22 8.89
CA LYS A 97 -5.15 12.46 9.52
C LYS A 97 -6.60 12.35 9.88
N ALA A 98 -7.32 11.41 9.29
CA ALA A 98 -8.69 11.16 9.69
C ALA A 98 -8.83 10.02 10.68
N ILE A 99 -7.73 9.34 11.04
CA ILE A 99 -7.80 8.31 12.08
C ILE A 99 -8.01 9.03 13.40
N PRO A 100 -9.10 8.77 14.12
CA PRO A 100 -9.28 9.41 15.44
C PRO A 100 -8.07 9.23 16.35
N GLY A 101 -7.47 10.33 16.81
CA GLY A 101 -6.32 10.31 17.71
C GLY A 101 -4.98 10.59 17.03
N PHE A 102 -4.88 10.38 15.73
CA PHE A 102 -3.59 10.51 15.06
C PHE A 102 -3.10 11.95 15.07
N ALA A 103 -4.02 12.89 14.83
CA ALA A 103 -3.69 14.30 14.74
C ALA A 103 -3.29 14.89 16.08
N ASN A 104 -3.60 14.23 17.19
CA ASN A 104 -3.13 14.73 18.48
C ASN A 104 -1.68 14.36 18.76
N LEU A 105 -1.06 13.53 17.91
CA LEU A 105 0.31 13.14 18.13
C LEU A 105 1.27 14.25 17.73
N ASP A 106 2.45 14.21 18.34
CA ASP A 106 3.54 15.07 17.91
C ASP A 106 3.77 14.89 16.42
N LEU A 107 3.90 16.02 15.73
CA LEU A 107 4.10 15.99 14.28
C LEU A 107 5.29 15.11 13.88
N ASN A 108 6.35 15.08 14.70
CA ASN A 108 7.48 14.21 14.41
C ASN A 108 7.10 12.74 14.46
N ASP A 109 6.27 12.36 15.44
CA ASP A 109 5.78 10.99 15.55
C ASP A 109 4.82 10.65 14.41
N GLN A 110 3.99 11.60 13.98
CA GLN A 110 3.15 11.37 12.80
C GLN A 110 4.00 11.00 11.60
N VAL A 111 5.13 11.71 11.41
CA VAL A 111 6.02 11.41 10.29
C VAL A 111 6.61 10.02 10.43
N THR A 112 7.08 9.70 11.63
CA THR A 112 7.69 8.39 11.86
C THR A 112 6.69 7.25 11.59
N LEU A 113 5.47 7.38 12.11
CA LEU A 113 4.47 6.35 11.88
C LEU A 113 4.21 6.17 10.38
N LEU A 114 4.10 7.28 9.64
CA LEU A 114 3.85 7.16 8.21
C LEU A 114 5.06 6.60 7.48
N LYS A 115 6.25 7.07 7.84
CA LYS A 115 7.47 6.58 7.19
C LYS A 115 7.55 5.05 7.20
N TYR A 116 7.38 4.43 8.35
CA TYR A 116 7.48 2.97 8.49
C TYR A 116 6.22 2.24 8.10
N GLY A 117 5.07 2.89 8.15
CA GLY A 117 3.83 2.19 7.88
C GLY A 117 3.39 2.20 6.43
N VAL A 118 3.76 3.21 5.63
CA VAL A 118 3.08 3.35 4.34
C VAL A 118 3.30 2.13 3.45
N TYR A 119 4.52 1.59 3.36
CA TYR A 119 4.71 0.46 2.44
C TYR A 119 4.04 -0.82 2.96
N GLU A 120 3.96 -1.03 4.27
CA GLU A 120 3.18 -2.16 4.75
C GLU A 120 1.72 -2.00 4.34
N ALA A 121 1.18 -0.78 4.50
CA ALA A 121 -0.19 -0.52 4.08
C ALA A 121 -0.34 -0.65 2.55
N ILE A 122 0.64 -0.14 1.79
CA ILE A 122 0.55 -0.23 0.33
C ILE A 122 0.43 -1.69 -0.10
N PHE A 123 1.27 -2.58 0.45
CA PHE A 123 1.23 -3.95 -0.04
C PHE A 123 0.00 -4.70 0.47
N ALA A 124 -0.49 -4.35 1.67
CA ALA A 124 -1.76 -4.90 2.11
C ALA A 124 -2.90 -4.53 1.14
N MET A 125 -3.02 -3.24 0.80
CA MET A 125 -4.09 -2.77 -0.08
C MET A 125 -3.89 -3.21 -1.52
N LEU A 126 -2.63 -3.42 -1.95
CA LEU A 126 -2.39 -3.91 -3.29
C LEU A 126 -3.09 -5.24 -3.53
N SER A 127 -3.26 -6.04 -2.48
CA SER A 127 -3.94 -7.32 -2.62
C SER A 127 -5.33 -7.12 -3.23
N SER A 128 -5.98 -6.00 -2.93
CA SER A 128 -7.34 -5.78 -3.41
C SER A 128 -7.42 -5.64 -4.93
N VAL A 129 -6.34 -5.27 -5.60
CA VAL A 129 -6.37 -5.13 -7.05
C VAL A 129 -5.64 -6.26 -7.75
N MET A 130 -5.27 -7.30 -7.02
CA MET A 130 -4.53 -8.42 -7.58
C MET A 130 -5.40 -9.66 -7.62
N ASN A 131 -5.26 -10.45 -8.69
CA ASN A 131 -5.69 -11.84 -8.67
C ASN A 131 -4.53 -12.71 -9.12
N LYS A 132 -4.76 -14.02 -9.26
CA LYS A 132 -3.65 -14.91 -9.58
C LYS A 132 -3.03 -14.61 -10.94
N ASP A 133 -3.72 -13.86 -11.80
CA ASP A 133 -3.22 -13.64 -13.15
C ASP A 133 -2.65 -12.25 -13.39
N GLY A 134 -2.92 -11.28 -12.52
CA GLY A 134 -2.42 -9.95 -12.78
C GLY A 134 -2.99 -8.95 -11.80
N MET A 135 -2.82 -7.67 -12.13
CA MET A 135 -3.25 -6.62 -11.20
C MET A 135 -3.75 -5.39 -11.96
N LEU A 136 -4.70 -4.69 -11.33
CA LEU A 136 -5.17 -3.42 -11.88
C LEU A 136 -4.14 -2.33 -11.66
N VAL A 137 -3.97 -1.48 -12.65
CA VAL A 137 -3.05 -0.36 -12.60
C VAL A 137 -3.71 0.86 -13.22
N ALA A 138 -3.08 2.02 -13.03
CA ALA A 138 -3.50 3.25 -13.68
C ALA A 138 -4.98 3.56 -13.41
N TYR A 139 -5.30 3.64 -12.12
CA TYR A 139 -6.62 4.06 -11.67
C TYR A 139 -7.70 3.18 -12.26
N GLY A 140 -7.42 1.88 -12.31
CA GLY A 140 -8.35 0.87 -12.80
C GLY A 140 -8.47 0.72 -14.30
N ASN A 141 -7.62 1.40 -15.07
CA ASN A 141 -7.76 1.43 -16.52
C ASN A 141 -6.79 0.51 -17.23
N GLY A 142 -5.92 -0.19 -16.50
CA GLY A 142 -5.08 -1.19 -17.09
C GLY A 142 -5.07 -2.43 -16.19
N PHE A 143 -4.77 -3.56 -16.80
CA PHE A 143 -4.58 -4.81 -16.08
C PHE A 143 -3.29 -5.40 -16.62
N ILE A 144 -2.26 -5.46 -15.79
CA ILE A 144 -0.96 -5.95 -16.23
C ILE A 144 -0.80 -7.38 -15.71
N THR A 145 -0.34 -8.29 -16.58
CA THR A 145 -0.34 -9.68 -16.15
C THR A 145 0.87 -10.02 -15.30
N ARG A 146 0.65 -10.99 -14.41
CA ARG A 146 1.69 -11.45 -13.52
C ARG A 146 2.83 -12.07 -14.30
N GLU A 147 2.47 -12.81 -15.37
CA GLU A 147 3.50 -13.43 -16.20
C GLU A 147 4.33 -12.38 -16.93
N PHE A 148 3.71 -11.29 -17.39
CA PHE A 148 4.48 -10.26 -18.06
C PHE A 148 5.49 -9.63 -17.09
N LEU A 149 5.07 -9.37 -15.85
CA LEU A 149 6.00 -8.76 -14.91
C LEU A 149 7.16 -9.71 -14.61
N LYS A 150 6.89 -11.00 -14.54
CA LYS A 150 7.92 -12.01 -14.35
C LYS A 150 8.89 -12.04 -15.52
N SER A 151 8.45 -11.59 -16.69
CA SER A 151 9.25 -11.68 -17.91
C SER A 151 10.27 -10.57 -18.05
N LEU A 152 10.19 -9.53 -17.23
CA LEU A 152 11.07 -8.39 -17.31
C LEU A 152 12.50 -8.80 -16.98
N ARG A 153 13.46 -8.00 -17.45
CA ARG A 153 14.84 -8.30 -17.10
C ARG A 153 15.09 -8.08 -15.62
N LYS A 154 16.04 -8.83 -15.08
CA LYS A 154 16.45 -8.60 -13.70
C LYS A 154 17.06 -7.20 -13.60
N PRO A 155 16.85 -6.51 -12.46
CA PRO A 155 16.18 -6.97 -11.26
C PRO A 155 14.68 -6.67 -11.25
N PHE A 156 14.17 -6.10 -12.34
CA PHE A 156 12.81 -5.57 -12.27
C PHE A 156 11.77 -6.68 -12.20
N CYS A 157 12.09 -7.87 -12.71
CA CYS A 157 11.12 -8.97 -12.63
C CYS A 157 10.95 -9.48 -11.20
N ASP A 158 11.79 -9.02 -10.27
CA ASP A 158 11.76 -9.48 -8.89
C ASP A 158 10.93 -8.58 -8.00
N ILE A 159 10.38 -7.48 -8.53
CA ILE A 159 9.65 -6.53 -7.68
C ILE A 159 8.31 -7.12 -7.26
N MET A 160 7.51 -7.52 -8.23
CA MET A 160 6.11 -7.73 -7.89
C MET A 160 5.79 -9.16 -7.43
N GLU A 161 6.60 -10.15 -7.80
CA GLU A 161 6.18 -11.52 -7.50
C GLU A 161 5.98 -11.79 -6.00
N PRO A 162 6.84 -11.33 -5.08
CA PRO A 162 6.56 -11.54 -3.65
C PRO A 162 5.28 -10.86 -3.20
N LYS A 163 4.90 -9.77 -3.88
CA LYS A 163 3.66 -9.08 -3.51
C LYS A 163 2.45 -9.88 -3.99
N PHE A 164 2.53 -10.50 -5.18
CA PHE A 164 1.45 -11.41 -5.57
C PHE A 164 1.35 -12.58 -4.60
N ASP A 165 2.49 -13.12 -4.16
CA ASP A 165 2.44 -14.27 -3.25
C ASP A 165 1.77 -13.88 -1.95
N PHE A 166 2.10 -12.70 -1.43
CA PHE A 166 1.42 -12.24 -0.22
C PHE A 166 -0.07 -12.09 -0.48
N ALA A 167 -0.43 -11.46 -1.60
CA ALA A 167 -1.82 -11.14 -1.88
C ALA A 167 -2.68 -12.38 -2.06
N MET A 168 -2.12 -13.45 -2.64
CA MET A 168 -2.99 -14.61 -2.86
C MET A 168 -3.46 -15.19 -1.52
N LYS A 169 -2.56 -15.27 -0.54
CA LYS A 169 -2.94 -15.76 0.78
C LYS A 169 -3.77 -14.73 1.54
N PHE A 170 -3.44 -13.44 1.39
CA PHE A 170 -4.24 -12.41 2.06
C PHE A 170 -5.66 -12.40 1.52
N ASN A 171 -5.81 -12.54 0.20
CA ASN A 171 -7.14 -12.49 -0.37
C ASN A 171 -7.95 -13.71 0.02
N ALA A 172 -7.28 -14.84 0.30
CA ALA A 172 -8.02 -16.02 0.73
C ALA A 172 -8.67 -15.84 2.09
N LEU A 173 -8.28 -14.79 2.84
CA LEU A 173 -8.96 -14.45 4.08
C LEU A 173 -10.35 -13.86 3.84
N GLU A 174 -10.66 -13.46 2.60
CA GLU A 174 -11.99 -12.93 2.26
C GLU A 174 -12.39 -11.74 3.12
N LEU A 175 -11.44 -10.82 3.34
CA LEU A 175 -11.76 -9.58 4.03
C LEU A 175 -12.55 -8.64 3.12
N ASP A 176 -13.34 -7.77 3.73
CA ASP A 176 -13.95 -6.70 2.97
C ASP A 176 -13.35 -5.36 3.39
N ASP A 177 -13.80 -4.29 2.73
CA ASP A 177 -13.22 -2.97 2.97
C ASP A 177 -13.38 -2.53 4.43
N SER A 178 -14.47 -2.93 5.09
CA SER A 178 -14.62 -2.56 6.50
C SER A 178 -13.53 -3.19 7.37
N ASP A 179 -13.10 -4.42 7.03
CA ASP A 179 -11.97 -5.05 7.71
C ASP A 179 -10.66 -4.38 7.35
N ILE A 180 -10.44 -4.19 6.04
CA ILE A 180 -9.14 -3.73 5.58
C ILE A 180 -8.86 -2.33 6.08
N SER A 181 -9.89 -1.48 6.17
CA SER A 181 -9.68 -0.13 6.68
C SER A 181 -9.11 -0.16 8.09
N LEU A 182 -9.64 -1.04 8.95
CA LEU A 182 -9.14 -1.15 10.31
C LEU A 182 -7.75 -1.75 10.35
N PHE A 183 -7.49 -2.75 9.49
CA PHE A 183 -6.16 -3.33 9.39
C PHE A 183 -5.12 -2.30 8.99
N VAL A 184 -5.43 -1.45 8.01
CA VAL A 184 -4.52 -0.39 7.61
C VAL A 184 -4.33 0.62 8.74
N ALA A 185 -5.42 0.93 9.47
CA ALA A 185 -5.26 1.82 10.61
C ALA A 185 -4.33 1.21 11.65
N ALA A 186 -4.44 -0.09 11.90
CA ALA A 186 -3.56 -0.76 12.87
C ALA A 186 -2.11 -0.77 12.41
N ILE A 187 -1.89 -0.96 11.10
CA ILE A 187 -0.53 -0.91 10.57
C ILE A 187 0.10 0.44 10.87
N ILE A 188 -0.65 1.52 10.65
CA ILE A 188 -0.09 2.86 10.82
C ILE A 188 0.16 3.15 12.30
N CYS A 189 -0.76 2.71 13.16
CA CYS A 189 -0.73 3.09 14.58
C CYS A 189 0.03 2.00 15.33
N CYS A 190 1.36 2.09 15.23
CA CYS A 190 2.24 1.01 15.64
C CYS A 190 3.29 1.56 16.58
N GLY A 191 3.30 1.09 17.83
CA GLY A 191 4.13 1.72 18.83
C GLY A 191 5.58 1.33 18.84
N ASP A 192 6.00 0.34 18.05
CA ASP A 192 7.39 -0.08 18.10
C ASP A 192 8.21 0.41 16.91
N ARG A 193 7.73 1.41 16.18
CA ARG A 193 8.56 1.97 15.12
C ARG A 193 9.80 2.62 15.72
N PRO A 194 10.93 2.53 15.03
CA PRO A 194 12.15 3.15 15.53
C PRO A 194 12.03 4.67 15.65
N GLY A 195 12.54 5.20 16.76
CA GLY A 195 12.68 6.64 16.89
C GLY A 195 11.44 7.40 17.33
N LEU A 196 10.41 6.72 17.82
CA LEU A 196 9.23 7.42 18.28
C LEU A 196 9.54 8.20 19.55
N LEU A 197 8.92 9.36 19.68
CA LEU A 197 9.11 10.26 20.82
C LEU A 197 8.19 9.92 21.97
N ASN A 198 6.91 9.68 21.70
N ASN A 198 6.91 9.70 21.70
CA ASN A 198 5.92 9.42 22.73
CA ASN A 198 5.94 9.42 22.75
C ASN A 198 5.39 7.99 22.58
C ASN A 198 5.41 8.00 22.58
N VAL A 199 6.28 7.03 22.85
CA VAL A 199 5.91 5.62 22.70
C VAL A 199 4.67 5.27 23.50
N GLY A 200 4.58 5.77 24.73
CA GLY A 200 3.46 5.40 25.56
C GLY A 200 2.13 5.76 24.94
N HIS A 201 2.02 7.00 24.45
CA HIS A 201 0.74 7.43 23.89
C HIS A 201 0.41 6.63 22.63
N ILE A 202 1.41 6.38 21.80
CA ILE A 202 1.18 5.64 20.57
C ILE A 202 0.74 4.22 20.90
N GLU A 203 1.38 3.59 21.88
CA GLU A 203 0.97 2.24 22.27
C GLU A 203 -0.48 2.21 22.71
N LYS A 204 -0.92 3.24 23.46
CA LYS A 204 -2.33 3.25 23.85
C LYS A 204 -3.22 3.50 22.65
N MET A 205 -2.79 4.32 21.70
CA MET A 205 -3.58 4.50 20.49
C MET A 205 -3.68 3.20 19.71
N GLN A 206 -2.54 2.50 19.56
CA GLN A 206 -2.53 1.18 18.93
C GLN A 206 -3.47 0.22 19.65
N GLU A 207 -3.36 0.11 20.98
CA GLU A 207 -4.24 -0.79 21.72
C GLU A 207 -5.71 -0.50 21.39
N GLY A 208 -6.07 0.78 21.28
CA GLY A 208 -7.45 1.13 20.99
C GLY A 208 -7.88 0.68 19.61
N ILE A 209 -7.04 0.94 18.60
CA ILE A 209 -7.39 0.54 17.24
C ILE A 209 -7.41 -0.97 17.12
N VAL A 210 -6.44 -1.66 17.75
CA VAL A 210 -6.43 -3.11 17.64
C VAL A 210 -7.64 -3.71 18.33
N HIS A 211 -8.11 -3.08 19.42
CA HIS A 211 -9.31 -3.56 20.11
C HIS A 211 -10.53 -3.45 19.20
N VAL A 212 -10.63 -2.33 18.47
CA VAL A 212 -11.73 -2.14 17.54
C VAL A 212 -11.64 -3.16 16.41
N LEU A 213 -10.42 -3.42 15.90
CA LEU A 213 -10.23 -4.44 14.88
C LEU A 213 -10.68 -5.82 15.38
N ARG A 214 -10.24 -6.18 16.61
CA ARG A 214 -10.59 -7.48 17.16
C ARG A 214 -12.10 -7.65 17.26
N LEU A 215 -12.78 -6.65 17.83
CA LEU A 215 -14.23 -6.76 17.97
C LEU A 215 -14.93 -6.78 16.61
N HIS A 216 -14.41 -6.02 15.64
CA HIS A 216 -15.02 -5.99 14.32
C HIS A 216 -14.91 -7.34 13.63
N LEU A 217 -13.74 -7.96 13.71
CA LEU A 217 -13.57 -9.26 13.08
C LEU A 217 -14.47 -10.31 13.73
N GLN A 218 -14.62 -10.26 15.05
CA GLN A 218 -15.56 -11.12 15.74
C GLN A 218 -16.98 -10.99 15.17
N SER A 219 -17.42 -9.76 14.93
CA SER A 219 -18.77 -9.49 14.43
C SER A 219 -18.90 -9.83 12.94
N ASN A 220 -17.90 -9.46 12.14
CA ASN A 220 -18.01 -9.55 10.69
C ASN A 220 -17.62 -10.91 10.15
N HIS A 221 -16.88 -11.71 10.91
CA HIS A 221 -16.37 -13.00 10.47
C HIS A 221 -16.55 -14.02 11.58
N PRO A 222 -17.80 -14.26 11.99
CA PRO A 222 -18.03 -15.26 13.05
C PRO A 222 -17.61 -16.66 12.65
N ASP A 223 -17.42 -16.90 11.36
CA ASP A 223 -17.03 -18.21 10.88
C ASP A 223 -15.55 -18.53 11.09
N ASP A 224 -14.70 -17.54 11.31
CA ASP A 224 -13.25 -17.74 11.34
C ASP A 224 -12.72 -17.27 12.68
N ILE A 225 -12.66 -18.19 13.66
CA ILE A 225 -12.33 -17.74 15.00
C ILE A 225 -10.85 -17.39 15.18
N PHE A 226 -10.00 -17.68 14.20
CA PHE A 226 -8.60 -17.24 14.28
C PHE A 226 -8.29 -16.08 13.36
N LEU A 227 -9.30 -15.39 12.84
CA LEU A 227 -8.97 -14.35 11.87
C LEU A 227 -8.10 -13.25 12.50
N PHE A 228 -8.37 -12.86 13.74
CA PHE A 228 -7.55 -11.81 14.35
C PHE A 228 -6.09 -12.22 14.47
N PRO A 229 -5.73 -13.37 15.06
CA PRO A 229 -4.30 -13.72 15.08
C PRO A 229 -3.72 -13.96 13.69
N LYS A 230 -4.50 -14.44 12.72
CA LYS A 230 -4.02 -14.50 11.33
C LYS A 230 -3.59 -13.13 10.87
N LEU A 231 -4.37 -12.10 11.18
CA LEU A 231 -4.04 -10.75 10.69
C LEU A 231 -2.87 -10.17 11.45
N LEU A 232 -2.73 -10.46 12.75
CA LEU A 232 -1.50 -10.05 13.43
C LEU A 232 -0.28 -10.63 12.74
N GLN A 233 -0.36 -11.90 12.32
CA GLN A 233 0.77 -12.51 11.63
C GLN A 233 1.00 -11.84 10.27
N LYS A 234 -0.08 -11.49 9.57
CA LYS A 234 0.07 -10.79 8.29
C LYS A 234 0.80 -9.46 8.50
N MET A 235 0.58 -8.79 9.62
CA MET A 235 1.28 -7.54 9.87
C MET A 235 2.78 -7.79 9.98
N ALA A 236 3.17 -8.87 10.65
CA ALA A 236 4.58 -9.20 10.75
C ALA A 236 5.15 -9.60 9.40
N ASP A 237 4.38 -10.39 8.62
CA ASP A 237 4.78 -10.76 7.26
C ASP A 237 5.03 -9.51 6.41
N LEU A 238 4.16 -8.50 6.55
CA LEU A 238 4.31 -7.28 5.77
C LEU A 238 5.57 -6.53 6.13
N ARG A 239 5.92 -6.50 7.42
CA ARG A 239 7.17 -5.83 7.79
C ARG A 239 8.35 -6.51 7.10
N GLN A 240 8.38 -7.84 7.07
CA GLN A 240 9.45 -8.53 6.37
C GLN A 240 9.42 -8.24 4.88
N LEU A 241 8.22 -8.24 4.29
CA LEU A 241 8.09 -7.95 2.87
C LEU A 241 8.67 -6.59 2.53
N VAL A 242 8.41 -5.60 3.39
CA VAL A 242 8.90 -4.24 3.16
C VAL A 242 10.41 -4.17 3.32
N THR A 243 10.93 -4.83 4.35
CA THR A 243 12.39 -4.87 4.52
C THR A 243 13.06 -5.40 3.26
N GLU A 244 12.53 -6.49 2.71
CA GLU A 244 13.09 -7.08 1.50
C GLU A 244 12.86 -6.19 0.29
N HIS A 245 11.69 -5.56 0.20
CA HIS A 245 11.45 -4.65 -0.89
C HIS A 245 12.44 -3.49 -0.87
N ALA A 246 12.67 -2.91 0.30
CA ALA A 246 13.58 -1.77 0.40
C ALA A 246 14.98 -2.20 -0.06
N GLN A 247 15.38 -3.42 0.26
CA GLN A 247 16.69 -3.90 -0.16
C GLN A 247 16.81 -3.96 -1.68
N LEU A 248 15.74 -4.42 -2.34
CA LEU A 248 15.76 -4.49 -3.79
C LEU A 248 15.78 -3.10 -4.40
N VAL A 249 15.02 -2.17 -3.81
CA VAL A 249 15.00 -0.80 -4.30
C VAL A 249 16.39 -0.17 -4.20
N GLN A 250 17.11 -0.47 -3.13
CA GLN A 250 18.50 0.01 -3.02
C GLN A 250 19.39 -0.57 -4.12
N ILE A 251 19.24 -1.86 -4.42
CA ILE A 251 20.00 -2.46 -5.53
C ILE A 251 19.69 -1.73 -6.83
N ILE A 252 18.40 -1.46 -7.07
CA ILE A 252 18.02 -0.74 -8.28
C ILE A 252 18.60 0.67 -8.28
N LYS A 253 18.48 1.38 -7.16
CA LYS A 253 19.00 2.74 -7.08
C LYS A 253 20.49 2.79 -7.40
N LYS A 254 21.24 1.79 -6.97
CA LYS A 254 22.69 1.82 -7.11
C LYS A 254 23.20 1.29 -8.43
N THR A 255 22.47 0.41 -9.10
CA THR A 255 22.96 -0.21 -10.33
C THR A 255 22.21 0.25 -11.58
N GLU A 256 21.11 0.99 -11.44
CA GLU A 256 20.25 1.38 -12.57
C GLU A 256 20.17 2.90 -12.65
N SER A 257 21.08 3.51 -13.42
CA SER A 257 21.16 4.96 -13.47
C SER A 257 19.88 5.60 -13.99
N ASP A 258 19.17 4.92 -14.89
CA ASP A 258 18.00 5.51 -15.49
C ASP A 258 16.78 5.45 -14.60
N ALA A 259 16.84 4.69 -13.50
CA ALA A 259 15.68 4.47 -12.65
C ALA A 259 15.69 5.48 -11.50
N ALA A 260 15.48 6.74 -11.87
CA ALA A 260 15.44 7.81 -10.88
C ALA A 260 14.37 7.54 -9.83
N LEU A 261 14.74 7.72 -8.56
CA LEU A 261 13.83 7.53 -7.45
C LEU A 261 13.18 8.86 -7.07
N HIS A 262 11.85 8.85 -6.96
CA HIS A 262 11.09 10.06 -6.65
C HIS A 262 11.47 10.58 -5.26
N PRO A 263 11.51 11.90 -5.06
CA PRO A 263 12.04 12.43 -3.79
C PRO A 263 11.24 12.04 -2.56
N LEU A 264 9.91 11.92 -2.65
CA LEU A 264 9.16 11.50 -1.48
C LEU A 264 9.50 10.07 -1.11
N LEU A 265 9.69 9.20 -2.11
CA LEU A 265 10.04 7.83 -1.79
C LEU A 265 11.46 7.73 -1.27
N GLN A 266 12.37 8.57 -1.79
CA GLN A 266 13.73 8.61 -1.23
C GLN A 266 13.69 8.99 0.25
N GLU A 267 12.88 9.98 0.62
CA GLU A 267 12.85 10.36 2.04
C GLU A 267 12.22 9.27 2.90
N ILE A 268 11.27 8.51 2.36
CA ILE A 268 10.70 7.38 3.12
C ILE A 268 11.74 6.29 3.32
N TYR A 269 12.48 5.94 2.25
CA TYR A 269 13.42 4.83 2.36
C TYR A 269 14.65 5.19 3.17
N ARG A 270 15.01 6.48 3.19
CA ARG A 270 16.29 6.87 3.77
C ARG A 270 16.28 6.62 5.27
N ASP A 271 17.23 5.82 5.75
CA ASP A 271 17.36 5.47 7.16
C ASP A 271 16.20 4.61 7.65
N MET A 272 15.52 3.88 6.77
CA MET A 272 14.37 3.08 7.21
C MET A 272 14.82 1.77 7.86
N TYR A 273 15.43 0.89 7.07
CA TYR A 273 15.93 -0.38 7.61
C TYR A 273 17.41 -0.60 7.31
N ARG B 4 13.89 16.40 7.87
CA ARG B 4 14.42 15.24 7.13
C ARG B 4 13.33 14.55 6.31
N HIS B 5 12.08 14.84 6.63
CA HIS B 5 10.96 14.37 5.80
C HIS B 5 10.14 15.57 5.36
N LYS B 6 10.74 16.46 4.57
CA LYS B 6 10.07 17.71 4.22
C LYS B 6 8.75 17.47 3.52
N ILE B 7 8.69 16.48 2.62
CA ILE B 7 7.45 16.25 1.87
C ILE B 7 6.39 15.66 2.78
N LEU B 8 6.71 14.59 3.49
CA LEU B 8 5.74 14.02 4.42
C LEU B 8 5.28 15.07 5.41
N HIS B 9 6.22 15.84 5.95
CA HIS B 9 5.86 16.86 6.92
C HIS B 9 4.90 17.88 6.31
N ARG B 10 5.11 18.21 5.03
CA ARG B 10 4.21 19.11 4.32
C ARG B 10 2.85 18.45 4.10
N LEU B 11 2.84 17.21 3.61
CA LEU B 11 1.56 16.53 3.40
C LEU B 11 0.75 16.47 4.68
N LEU B 12 1.42 16.38 5.83
CA LEU B 12 0.72 16.26 7.11
C LEU B 12 0.12 17.59 7.58
N GLN B 13 0.49 18.71 6.97
CA GLN B 13 -0.04 20.01 7.35
C GLN B 13 -1.27 20.36 6.52
C1 EPA C . 8.22 1.57 -4.90
OA EPA C . 7.53 2.56 -4.56
OB EPA C . 9.16 1.17 -4.16
C2 EPA C . 7.91 0.82 -6.18
C3 EPA C . 6.68 -0.03 -5.84
C4 EPA C . 6.66 -1.28 -6.70
C5 EPA C . 5.55 -2.16 -6.13
C6 EPA C . 4.28 -1.99 -6.46
C7 EPA C . 3.82 -0.92 -7.44
C8 EPA C . 2.30 -0.97 -7.56
C9 EPA C . 1.62 -1.10 -8.69
C10 EPA C . 2.25 -1.24 -10.07
C11 EPA C . 1.93 0.02 -10.86
C12 EPA C . 2.17 0.09 -12.16
C13 EPA C . 2.76 -1.11 -12.90
C14 EPA C . 3.60 -0.60 -14.06
C15 EPA C . 3.10 -0.22 -15.22
C16 EPA C . 1.62 -0.25 -15.56
C17 EPA C . 1.10 1.18 -15.49
C18 EPA C . 0.99 1.97 -16.54
C19 EPA C . 1.33 1.54 -17.96
C20 EPA C . 0.20 2.02 -18.85
H21 EPA C . 8.65 0.24 -6.43
H22 EPA C . 7.70 1.44 -6.89
H31 EPA C . 5.88 0.49 -6.00
H32 EPA C . 6.70 -0.29 -4.91
H41 EPA C . 6.45 -1.04 -7.63
H42 EPA C . 7.50 -1.74 -6.66
H51 EPA C . 5.77 -2.84 -5.54
H61 EPA C . 3.64 -2.56 -6.09
H71 EPA C . 4.08 -0.04 -7.11
H72 EPA C . 4.22 -1.07 -8.31
H81 EPA C . 1.81 -0.89 -6.78
H91 EPA C . 0.70 -1.12 -8.64
H101 EPA C . 3.21 -1.34 -9.99
H102 EPA C . 1.87 -2.02 -10.53
H111 EPA C . 1.57 0.76 -10.42
H121 EPA C . 1.96 0.86 -12.62
H131 EPA C . 3.32 -1.62 -12.30
H132 EPA C . 2.06 -1.68 -13.24
H141 EPA C . 4.52 -0.54 -13.95
H151 EPA C . 3.69 0.08 -15.88
H161 EPA C . 1.49 -0.60 -16.45
H162 EPA C . 1.15 -0.81 -14.92
H171 EPA C . 0.87 1.52 -14.65
H181 EPA C . 0.66 2.82 -16.41
H191 EPA C . 2.17 1.96 -18.23
H192 EPA C . 1.41 0.57 -18.00
H201 EPA C . 0.43 1.86 -19.79
H202 EPA C . -0.60 1.53 -18.64
H203 EPA C . 0.06 2.97 -18.72
C1 GOL D . -9.90 -10.42 -4.11
O1 GOL D . -10.97 -11.32 -4.16
C2 GOL D . -10.19 -9.28 -5.10
O2 GOL D . -10.13 -8.05 -4.45
C3 GOL D . -9.22 -9.28 -6.27
O3 GOL D . -8.93 -10.61 -6.66
H11 GOL D . -9.81 -10.06 -3.22
H12 GOL D . -9.07 -10.87 -4.37
HO1 GOL D . -11.68 -10.89 -4.33
H2 GOL D . -11.09 -9.40 -5.45
HO2 GOL D . -10.57 -7.47 -4.90
H31 GOL D . -8.40 -8.84 -6.01
H32 GOL D . -9.62 -8.81 -7.02
HO3 GOL D . -8.95 -10.66 -7.51
#